data_1DFP
#
_entry.id   1DFP
#
_cell.length_a   40.600
_cell.length_b   125.700
_cell.length_c   41.900
_cell.angle_alpha   90.00
_cell.angle_beta   110.05
_cell.angle_gamma   90.00
#
_symmetry.space_group_name_H-M   'P 1 21 1'
#
loop_
_entity.id
_entity.type
_entity.pdbx_description
1 polymer 'FACTOR D'
2 non-polymer 'DIISOPROPYL PHOSPHONATE'
3 water water
#
_entity_poly.entity_id   1
_entity_poly.type   'polypeptide(L)'
_entity_poly.pdbx_seq_one_letter_code
;ILGGREAEAHARPYMASVQLNGAHLCGGVLVAEQWVLSAAHCLEDAADGKVQVLLGAHSLSQPEPSKRLYDVLRAVPHPD
SQPDTIDHDLLLLQLSEKATLGPAVRPLPWQRVDRDVAPGTLCDVAGWGIVNHAGRRPDSLQHVLLPVLDRATCNRRTHH
DGAITERLMCAESNRRDSCKGDSGGPLVCGGVLEGVVTSGSRVCGNRKKPGIYTRVASYAAWIDSVLA
;
_entity_poly.pdbx_strand_id   A,B
#
loop_
_chem_comp.id
_chem_comp.type
_chem_comp.name
_chem_comp.formula
DFP non-polymer 'DIISOPROPYL PHOSPHONATE' 'C6 H15 O3 P'
#
# COMPACT_ATOMS: atom_id res chain seq x y z
N ILE A 1 2.53 12.81 18.12
CA ILE A 1 2.02 11.46 18.48
C ILE A 1 2.20 11.26 19.97
N LEU A 2 1.14 10.84 20.64
CA LEU A 2 1.15 10.57 22.07
C LEU A 2 1.28 9.06 22.27
N GLY A 3 2.22 8.66 23.13
CA GLY A 3 2.41 7.24 23.45
C GLY A 3 3.05 6.35 22.43
N GLY A 4 3.82 6.94 21.51
CA GLY A 4 4.46 6.16 20.48
C GLY A 4 5.96 6.17 20.65
N ARG A 5 6.65 5.61 19.68
CA ARG A 5 8.10 5.56 19.70
C ARG A 5 8.62 6.22 18.42
N GLU A 6 9.93 6.41 18.35
CA GLU A 6 10.53 7.00 17.17
C GLU A 6 10.56 5.99 16.06
N ALA A 7 10.25 6.46 14.87
CA ALA A 7 10.20 5.62 13.69
C ALA A 7 11.59 5.51 13.10
N GLU A 8 11.81 4.41 12.41
CA GLU A 8 13.08 4.15 11.74
C GLU A 8 13.31 5.26 10.71
N ALA A 9 14.54 5.78 10.67
CA ALA A 9 14.97 6.88 9.80
C ALA A 9 14.18 7.28 8.56
N HIS A 10 14.10 6.44 7.55
CA HIS A 10 13.38 6.82 6.34
C HIS A 10 12.60 5.62 5.85
N ALA A 11 12.00 4.93 6.82
CA ALA A 11 11.22 3.72 6.54
C ALA A 11 9.87 4.07 5.93
N ARG A 12 9.56 5.36 5.92
CA ARG A 12 8.33 5.89 5.37
C ARG A 12 8.72 7.02 4.39
N PRO A 13 9.18 6.64 3.18
CA PRO A 13 9.58 7.64 2.19
C PRO A 13 8.46 8.55 1.71
N TYR A 14 7.21 8.23 2.07
CA TYR A 14 6.05 9.03 1.68
C TYR A 14 5.73 10.17 2.64
N MET A 15 6.40 10.19 3.78
CA MET A 15 6.12 11.20 4.81
C MET A 15 6.58 12.61 4.42
N ALA A 16 5.72 13.59 4.69
CA ALA A 16 6.04 14.98 4.38
C ALA A 16 5.75 15.90 5.54
N SER A 17 6.37 17.08 5.50
CA SER A 17 6.16 18.08 6.51
C SER A 17 5.72 19.37 5.84
N VAL A 18 4.45 19.71 6.04
CA VAL A 18 3.88 20.91 5.49
C VAL A 18 4.31 22.00 6.46
N GLN A 19 5.03 22.98 5.93
CA GLN A 19 5.54 24.07 6.76
C GLN A 19 5.02 25.42 6.39
N LEU A 20 4.83 26.25 7.39
CA LEU A 20 4.37 27.63 7.19
C LEU A 20 5.47 28.52 7.76
N ASN A 21 6.10 29.29 6.90
CA ASN A 21 7.14 30.18 7.34
C ASN A 21 8.28 29.47 8.07
N GLY A 22 8.79 28.39 7.48
CA GLY A 22 9.91 27.69 8.08
C GLY A 22 9.68 26.80 9.27
N ALA A 23 8.45 26.75 9.79
CA ALA A 23 8.14 25.91 10.94
C ALA A 23 7.19 24.77 10.56
N HIS A 24 7.36 23.61 11.21
CA HIS A 24 6.49 22.47 10.95
C HIS A 24 5.05 22.89 11.25
N LEU A 25 4.13 22.60 10.34
CA LEU A 25 2.72 22.97 10.52
C LEU A 25 1.83 21.72 10.65
N CYS A 26 2.02 20.77 9.73
CA CYS A 26 1.24 19.54 9.64
C CYS A 26 1.98 18.48 8.85
N GLY A 27 1.49 17.25 8.91
CA GLY A 27 2.11 16.17 8.17
C GLY A 27 1.41 16.15 6.83
N GLY A 28 1.90 15.32 5.92
CA GLY A 28 1.31 15.22 4.62
C GLY A 28 1.77 13.89 4.07
N VAL A 29 1.19 13.44 2.97
CA VAL A 29 1.56 12.18 2.35
C VAL A 29 1.81 12.40 0.85
N LEU A 30 3.01 12.04 0.38
CA LEU A 30 3.32 12.17 -1.05
C LEU A 30 2.49 11.10 -1.74
N VAL A 31 1.48 11.52 -2.49
CA VAL A 31 0.59 10.61 -3.21
C VAL A 31 0.89 10.48 -4.69
N ALA A 32 1.75 11.37 -5.20
CA ALA A 32 2.15 11.41 -6.59
C ALA A 32 3.46 12.20 -6.63
N GLU A 33 4.18 12.14 -7.74
CA GLU A 33 5.46 12.85 -7.90
C GLU A 33 5.50 14.34 -7.59
N GLN A 34 4.37 15.03 -7.70
CA GLN A 34 4.34 16.48 -7.47
C GLN A 34 3.14 16.90 -6.63
N TRP A 35 2.55 15.94 -5.91
CA TRP A 35 1.38 16.23 -5.08
C TRP A 35 1.50 15.66 -3.67
N VAL A 36 0.99 16.40 -2.70
CA VAL A 36 1.01 16.00 -1.30
C VAL A 36 -0.41 16.15 -0.75
N LEU A 37 -0.85 15.19 0.05
CA LEU A 37 -2.19 15.17 0.65
C LEU A 37 -2.03 15.60 2.10
N SER A 38 -2.88 16.49 2.57
CA SER A 38 -2.78 16.96 3.93
C SER A 38 -4.16 17.31 4.40
N ALA A 39 -4.27 18.15 5.42
CA ALA A 39 -5.57 18.55 5.94
C ALA A 39 -5.91 20.01 5.61
N ALA A 40 -7.13 20.25 5.14
CA ALA A 40 -7.60 21.58 4.78
C ALA A 40 -7.50 22.62 5.88
N HIS A 41 -7.74 22.21 7.11
CA HIS A 41 -7.69 23.15 8.24
C HIS A 41 -6.27 23.61 8.54
N CYS A 42 -5.27 22.88 8.06
CA CYS A 42 -3.87 23.23 8.25
C CYS A 42 -3.52 24.60 7.67
N LEU A 43 -4.18 24.94 6.56
CA LEU A 43 -3.92 26.20 5.88
C LEU A 43 -4.85 27.35 6.27
N GLU A 44 -5.77 27.12 7.19
CA GLU A 44 -6.70 28.15 7.61
C GLU A 44 -6.06 29.48 7.94
N ASP A 45 -5.13 29.49 8.85
CA ASP A 45 -4.51 30.73 9.26
C ASP A 45 -3.14 30.94 8.63
N ALA A 46 -3.02 30.65 7.34
CA ALA A 46 -1.75 30.79 6.63
C ALA A 46 -1.46 32.25 6.24
N ALA A 47 -2.44 32.91 5.64
CA ALA A 47 -2.32 34.30 5.23
C ALA A 47 -1.21 34.54 4.17
N ASP A 48 -0.44 35.62 4.35
CA ASP A 48 0.64 35.96 3.41
C ASP A 48 1.80 35.01 3.60
N GLY A 49 1.77 34.24 4.69
CA GLY A 49 2.84 33.31 4.98
C GLY A 49 3.12 32.36 3.84
N LYS A 50 4.36 31.91 3.73
CA LYS A 50 4.71 30.98 2.67
C LYS A 50 4.50 29.55 3.16
N VAL A 51 4.10 28.68 2.24
CA VAL A 51 3.86 27.28 2.54
C VAL A 51 4.82 26.45 1.69
N GLN A 52 5.57 25.57 2.33
CA GLN A 52 6.52 24.72 1.63
C GLN A 52 6.37 23.29 2.14
N VAL A 53 6.82 22.31 1.37
CA VAL A 53 6.78 20.90 1.74
C VAL A 53 8.19 20.33 1.89
N LEU A 54 8.45 19.64 3.00
CA LEU A 54 9.76 19.06 3.20
C LEU A 54 9.67 17.57 2.92
N LEU A 55 10.60 17.03 2.14
CA LEU A 55 10.58 15.60 1.80
C LEU A 55 11.89 14.91 2.16
N GLY A 56 11.84 13.59 2.35
CA GLY A 56 13.03 12.82 2.68
C GLY A 56 13.62 13.11 4.05
N ALA A 57 12.79 13.62 4.96
CA ALA A 57 13.24 13.99 6.28
C ALA A 57 12.87 13.08 7.43
N HIS A 58 13.75 13.04 8.43
CA HIS A 58 13.49 12.30 9.64
C HIS A 58 13.58 13.30 10.78
N SER A 59 14.66 14.08 10.73
CA SER A 59 14.98 15.13 11.69
C SER A 59 14.57 16.44 11.02
N LEU A 60 13.76 17.24 11.70
CA LEU A 60 13.35 18.49 11.12
C LEU A 60 14.52 19.51 11.08
N SER A 61 15.51 19.33 11.95
CA SER A 61 16.62 20.27 12.03
C SER A 61 17.96 19.87 11.43
N GLN A 62 18.43 18.69 11.77
CA GLN A 62 19.73 18.28 11.26
C GLN A 62 19.73 18.09 9.75
N PRO A 63 20.83 18.51 9.10
CA PRO A 63 20.90 18.36 7.64
C PRO A 63 21.00 16.89 7.26
N GLU A 64 20.18 16.46 6.31
CA GLU A 64 20.22 15.07 5.85
C GLU A 64 20.27 15.11 4.36
N PRO A 65 21.08 14.23 3.78
CA PRO A 65 21.32 14.06 2.35
C PRO A 65 20.04 13.93 1.52
N SER A 66 19.04 13.30 2.08
CA SER A 66 17.79 13.07 1.38
C SER A 66 16.82 14.24 1.44
N LYS A 67 17.03 15.14 2.39
CA LYS A 67 16.14 16.28 2.57
C LYS A 67 16.12 17.23 1.41
N ARG A 68 14.92 17.72 1.08
CA ARG A 68 14.73 18.69 0.01
C ARG A 68 13.45 19.46 0.26
N LEU A 69 13.56 20.78 0.17
CA LEU A 69 12.46 21.70 0.39
C LEU A 69 11.84 22.13 -0.94
N TYR A 70 10.52 22.10 -1.03
CA TYR A 70 9.85 22.48 -2.26
C TYR A 70 8.79 23.52 -2.00
N ASP A 71 8.75 24.54 -2.84
CA ASP A 71 7.72 25.56 -2.75
C ASP A 71 6.45 24.95 -3.32
N VAL A 72 5.34 25.64 -3.14
CA VAL A 72 4.09 25.12 -3.64
C VAL A 72 3.51 26.03 -4.70
N LEU A 73 3.10 25.42 -5.82
CA LEU A 73 2.47 26.12 -6.94
C LEU A 73 0.98 26.36 -6.66
N ARG A 74 0.29 25.37 -6.12
CA ARG A 74 -1.12 25.56 -5.78
C ARG A 74 -1.60 24.69 -4.65
N ALA A 75 -2.42 25.28 -3.78
CA ALA A 75 -2.99 24.59 -2.63
C ALA A 75 -4.48 24.44 -2.92
N VAL A 76 -4.91 23.21 -3.15
CA VAL A 76 -6.30 22.97 -3.48
C VAL A 76 -7.08 22.30 -2.37
N PRO A 77 -7.77 23.09 -1.54
CA PRO A 77 -8.57 22.52 -0.45
C PRO A 77 -9.84 21.88 -1.03
N HIS A 78 -10.42 20.92 -0.32
CA HIS A 78 -11.65 20.31 -0.81
C HIS A 78 -12.71 21.41 -0.82
N PRO A 79 -13.53 21.50 -1.88
CA PRO A 79 -14.59 22.52 -2.01
C PRO A 79 -15.58 22.64 -0.85
N ASP A 80 -15.83 21.54 -0.15
CA ASP A 80 -16.79 21.55 0.94
C ASP A 80 -16.30 21.60 2.38
N SER A 81 -15.04 21.97 2.57
CA SER A 81 -14.48 22.07 3.91
C SER A 81 -14.86 23.46 4.42
N GLN A 82 -15.01 23.60 5.72
CA GLN A 82 -15.38 24.89 6.29
C GLN A 82 -14.56 25.09 7.54
N PRO A 83 -14.30 26.35 7.93
CA PRO A 83 -13.53 26.55 9.14
C PRO A 83 -14.19 25.96 10.41
N ASP A 84 -15.52 25.97 10.45
CA ASP A 84 -16.26 25.48 11.62
C ASP A 84 -16.79 24.06 11.51
N THR A 85 -16.14 23.21 10.72
CA THR A 85 -16.64 21.84 10.54
C THR A 85 -15.44 20.91 10.33
N ILE A 86 -15.60 19.62 10.62
CA ILE A 86 -14.47 18.68 10.42
C ILE A 86 -14.69 17.77 9.22
N ASP A 87 -15.71 18.08 8.44
CA ASP A 87 -16.02 17.29 7.25
C ASP A 87 -15.25 17.79 6.05
N HIS A 88 -14.89 16.87 5.16
CA HIS A 88 -14.20 17.21 3.91
C HIS A 88 -12.87 17.94 4.17
N ASP A 89 -12.25 17.62 5.30
CA ASP A 89 -11.03 18.24 5.70
C ASP A 89 -9.78 17.75 4.97
N LEU A 90 -9.80 17.88 3.63
CA LEU A 90 -8.67 17.46 2.80
C LEU A 90 -8.07 18.63 2.00
N LEU A 91 -6.81 18.52 1.65
CA LEU A 91 -6.11 19.55 0.94
C LEU A 91 -5.05 18.90 0.07
N LEU A 92 -4.96 19.34 -1.18
CA LEU A 92 -3.92 18.85 -2.11
C LEU A 92 -2.92 19.98 -2.42
N LEU A 93 -1.63 19.68 -2.41
CA LEU A 93 -0.59 20.67 -2.67
C LEU A 93 0.26 20.28 -3.85
N GLN A 94 0.37 21.12 -4.86
CA GLN A 94 1.23 20.78 -5.98
C GLN A 94 2.62 21.39 -5.77
N LEU A 95 3.63 20.54 -5.79
CA LEU A 95 5.00 20.97 -5.61
C LEU A 95 5.46 21.82 -6.81
N SER A 96 6.43 22.72 -6.59
CA SER A 96 6.93 23.60 -7.65
C SER A 96 7.50 22.79 -8.82
N GLU A 97 7.90 21.57 -8.54
CA GLU A 97 8.44 20.71 -9.57
C GLU A 97 8.41 19.30 -9.03
N LYS A 98 8.35 18.34 -9.94
CA LYS A 98 8.33 16.93 -9.57
C LYS A 98 9.37 16.67 -8.52
N ALA A 99 9.12 15.72 -7.63
CA ALA A 99 10.06 15.39 -6.56
C ALA A 99 11.15 14.50 -7.08
N THR A 100 12.31 14.55 -6.46
CA THR A 100 13.40 13.69 -6.85
C THR A 100 13.26 12.42 -6.01
N LEU A 101 12.73 11.37 -6.64
CA LEU A 101 12.49 10.09 -5.97
C LEU A 101 13.76 9.32 -5.62
N GLY A 102 13.70 8.56 -4.54
CA GLY A 102 14.84 7.79 -4.11
C GLY A 102 14.41 6.84 -3.02
N PRO A 103 15.36 6.17 -2.34
CA PRO A 103 15.01 5.24 -1.27
C PRO A 103 14.30 5.96 -0.11
N ALA A 104 14.56 7.26 0.01
CA ALA A 104 13.98 8.05 1.08
C ALA A 104 12.79 8.89 0.66
N VAL A 105 12.45 8.87 -0.62
CA VAL A 105 11.33 9.66 -1.15
C VAL A 105 10.58 8.93 -2.25
N ARG A 106 9.36 8.48 -1.96
CA ARG A 106 8.54 7.75 -2.92
C ARG A 106 7.04 7.87 -2.55
N PRO A 107 6.14 7.93 -3.55
CA PRO A 107 4.69 8.04 -3.35
C PRO A 107 4.02 6.77 -2.82
N LEU A 108 2.96 6.98 -2.04
CA LEU A 108 2.20 5.90 -1.47
C LEU A 108 0.79 5.88 -2.06
N PRO A 109 0.41 4.76 -2.70
CA PRO A 109 -0.93 4.66 -3.29
C PRO A 109 -2.00 4.64 -2.17
N TRP A 110 -3.19 5.18 -2.46
CA TRP A 110 -4.28 5.21 -1.50
C TRP A 110 -5.37 4.22 -1.88
N GLN A 111 -6.08 3.72 -0.88
CA GLN A 111 -7.19 2.77 -1.06
C GLN A 111 -8.33 3.39 -1.93
N ARG A 112 -8.80 2.64 -2.91
CA ARG A 112 -9.87 3.11 -3.80
C ARG A 112 -11.18 2.37 -3.63
N VAL A 113 -11.20 1.31 -2.84
CA VAL A 113 -12.42 0.57 -2.60
C VAL A 113 -13.08 1.22 -1.39
N ASP A 114 -14.27 1.79 -1.60
CA ASP A 114 -15.00 2.47 -0.54
C ASP A 114 -15.73 1.56 0.43
N ARG A 115 -14.96 0.80 1.18
CA ARG A 115 -15.48 -0.11 2.16
C ARG A 115 -14.72 0.28 3.41
N ASP A 116 -15.36 0.17 4.56
CA ASP A 116 -14.71 0.52 5.81
C ASP A 116 -13.58 -0.44 6.21
N VAL A 117 -12.65 0.07 7.02
CA VAL A 117 -11.55 -0.74 7.53
C VAL A 117 -12.23 -1.55 8.64
N ALA A 118 -11.87 -2.83 8.78
CA ALA A 118 -12.43 -3.72 9.80
C ALA A 118 -11.99 -3.33 11.20
N PRO A 119 -12.93 -3.17 12.14
CA PRO A 119 -12.56 -2.81 13.52
C PRO A 119 -11.56 -3.84 14.04
N GLY A 120 -10.65 -3.36 14.89
CA GLY A 120 -9.64 -4.24 15.44
C GLY A 120 -8.35 -4.13 14.66
N THR A 121 -8.44 -3.74 13.38
CA THR A 121 -7.27 -3.59 12.52
C THR A 121 -6.32 -2.54 13.07
N LEU A 122 -5.05 -2.90 13.15
CA LEU A 122 -4.05 -1.98 13.66
C LEU A 122 -3.52 -1.14 12.52
N CYS A 123 -3.61 0.17 12.67
CA CYS A 123 -3.12 1.11 11.67
C CYS A 123 -2.03 1.98 12.24
N ASP A 124 -1.07 2.30 11.40
CA ASP A 124 0.06 3.09 11.80
C ASP A 124 -0.14 4.55 11.47
N VAL A 125 0.11 5.43 12.43
CA VAL A 125 0.02 6.88 12.24
C VAL A 125 1.41 7.45 12.59
N ALA A 126 1.95 8.31 11.73
CA ALA A 126 3.27 8.90 12.01
C ALA A 126 3.18 10.42 11.95
N GLY A 127 4.05 11.12 12.68
CA GLY A 127 4.01 12.58 12.67
C GLY A 127 5.12 13.26 13.45
N TRP A 128 5.13 14.59 13.44
CA TRP A 128 6.14 15.39 14.19
C TRP A 128 5.42 16.27 15.22
N GLY A 129 4.13 16.02 15.40
CA GLY A 129 3.32 16.78 16.33
C GLY A 129 3.52 16.44 17.79
N ILE A 130 2.80 17.16 18.66
CA ILE A 130 2.88 16.95 20.11
C ILE A 130 3.18 15.52 20.59
N VAL A 131 4.25 15.40 21.38
CA VAL A 131 4.69 14.15 21.96
C VAL A 131 4.12 13.90 23.35
N ASN A 132 3.79 14.96 24.10
CA ASN A 132 3.20 14.81 25.44
C ASN A 132 2.26 15.96 25.81
N HIS A 133 1.76 15.95 27.04
CA HIS A 133 0.84 16.99 27.45
C HIS A 133 1.45 18.33 27.81
N ALA A 134 2.77 18.33 28.04
CA ALA A 134 3.48 19.56 28.35
C ALA A 134 3.63 20.37 27.06
N GLY A 135 3.36 19.74 25.93
CA GLY A 135 3.44 20.40 24.65
C GLY A 135 4.78 20.22 23.96
N ARG A 136 5.56 19.23 24.38
CA ARG A 136 6.86 19.00 23.78
C ARG A 136 6.74 18.56 22.32
N ARG A 137 7.41 19.30 21.46
CA ARG A 137 7.41 19.00 20.04
C ARG A 137 8.72 18.24 19.79
N PRO A 138 8.64 17.09 19.11
CA PRO A 138 9.84 16.29 18.81
C PRO A 138 10.65 16.82 17.59
N ASP A 139 11.87 16.34 17.42
CA ASP A 139 12.69 16.75 16.28
C ASP A 139 12.65 15.63 15.26
N SER A 140 12.37 14.42 15.72
CA SER A 140 12.31 13.28 14.84
C SER A 140 10.91 12.68 14.71
N LEU A 141 10.68 12.02 13.57
CA LEU A 141 9.42 11.38 13.27
C LEU A 141 9.13 10.29 14.30
N GLN A 142 7.90 10.32 14.81
CA GLN A 142 7.41 9.36 15.79
C GLN A 142 6.24 8.65 15.10
N HIS A 143 5.69 7.62 15.72
CA HIS A 143 4.54 6.89 15.18
C HIS A 143 3.94 5.93 16.20
N VAL A 144 2.68 5.56 15.99
CA VAL A 144 1.95 4.60 16.85
C VAL A 144 1.06 3.71 16.00
N LEU A 145 0.79 2.52 16.50
CA LEU A 145 -0.09 1.56 15.82
C LEU A 145 -1.35 1.64 16.69
N LEU A 146 -2.47 2.01 16.08
CA LEU A 146 -3.74 2.15 16.80
C LEU A 146 -4.77 1.23 16.20
N PRO A 147 -5.70 0.73 17.02
CA PRO A 147 -6.76 -0.18 16.56
C PRO A 147 -7.92 0.65 16.06
N VAL A 148 -8.58 0.17 15.02
CA VAL A 148 -9.74 0.83 14.44
C VAL A 148 -10.99 0.45 15.26
N LEU A 149 -11.76 1.46 15.65
CA LEU A 149 -13.00 1.24 16.39
C LEU A 149 -14.17 1.23 15.45
N ASP A 150 -15.20 0.49 15.86
CA ASP A 150 -16.48 0.34 15.15
C ASP A 150 -17.17 1.69 15.24
N ARG A 151 -17.76 2.13 14.13
CA ARG A 151 -18.45 3.42 14.09
C ARG A 151 -19.61 3.44 15.10
N ALA A 152 -20.29 2.30 15.24
CA ALA A 152 -21.41 2.19 16.18
C ALA A 152 -20.95 2.56 17.58
N THR A 153 -19.73 2.18 17.91
CA THR A 153 -19.15 2.47 19.21
C THR A 153 -18.73 3.93 19.25
N CYS A 154 -18.04 4.36 18.18
CA CYS A 154 -17.55 5.73 18.14
C CYS A 154 -18.64 6.77 18.20
N ASN A 155 -19.79 6.44 17.64
CA ASN A 155 -20.94 7.35 17.61
C ASN A 155 -21.79 7.36 18.86
N ARG A 156 -21.38 6.61 19.87
CA ARG A 156 -22.11 6.56 21.11
C ARG A 156 -22.21 7.97 21.69
N ARG A 157 -23.37 8.27 22.28
CA ARG A 157 -23.69 9.56 22.87
C ARG A 157 -22.49 10.19 23.58
N THR A 158 -22.08 9.58 24.68
CA THR A 158 -20.96 10.05 25.49
C THR A 158 -19.60 10.04 24.77
N HIS A 159 -19.62 9.61 23.52
CA HIS A 159 -18.42 9.57 22.68
C HIS A 159 -18.58 10.70 21.67
N HIS A 160 -18.52 10.38 20.38
CA HIS A 160 -18.65 11.43 19.39
C HIS A 160 -20.07 11.82 19.05
N ASP A 161 -21.01 11.29 19.83
CA ASP A 161 -22.42 11.62 19.68
C ASP A 161 -22.90 11.65 18.24
N GLY A 162 -22.63 10.57 17.50
CA GLY A 162 -23.07 10.46 16.12
C GLY A 162 -22.53 11.45 15.09
N ALA A 163 -21.41 12.08 15.37
CA ALA A 163 -20.80 13.02 14.44
C ALA A 163 -19.91 12.35 13.38
N ILE A 164 -19.56 11.08 13.63
CA ILE A 164 -18.73 10.33 12.69
C ILE A 164 -19.59 9.85 11.53
N THR A 165 -19.46 10.54 10.40
CA THR A 165 -20.21 10.22 9.20
C THR A 165 -19.54 9.07 8.47
N GLU A 166 -20.11 8.68 7.34
CA GLU A 166 -19.59 7.56 6.55
C GLU A 166 -18.26 7.83 5.87
N ARG A 167 -17.84 9.08 5.89
CA ARG A 167 -16.58 9.49 5.29
C ARG A 167 -15.50 9.55 6.35
N LEU A 168 -15.89 9.30 7.60
CA LEU A 168 -14.99 9.33 8.74
C LEU A 168 -14.84 7.95 9.37
N MET A 169 -13.77 7.76 10.16
CA MET A 169 -13.51 6.50 10.84
C MET A 169 -12.78 6.89 12.12
N CYS A 170 -12.85 6.01 13.12
CA CYS A 170 -12.24 6.21 14.43
C CYS A 170 -11.24 5.14 14.80
N ALA A 171 -10.29 5.52 15.64
CA ALA A 171 -9.25 4.64 16.14
C ALA A 171 -9.15 5.03 17.61
N GLU A 172 -8.58 4.15 18.43
CA GLU A 172 -8.48 4.44 19.83
C GLU A 172 -7.58 5.61 20.15
N SER A 173 -7.81 6.17 21.33
CA SER A 173 -7.06 7.30 21.83
C SER A 173 -6.71 7.10 23.30
N ASN A 174 -6.70 5.86 23.78
CA ASN A 174 -6.41 5.64 25.19
C ASN A 174 -4.93 5.63 25.49
N ARG A 175 -4.39 6.77 25.90
CA ARG A 175 -2.97 6.90 26.22
C ARG A 175 -2.02 6.83 25.00
N ARG A 176 -2.60 6.63 23.82
CA ARG A 176 -1.88 6.58 22.56
C ARG A 176 -2.77 7.33 21.57
N ASP A 177 -2.20 8.21 20.76
CA ASP A 177 -3.02 9.01 19.88
C ASP A 177 -2.19 9.93 18.99
N SER A 178 -2.87 10.67 18.14
CA SER A 178 -2.24 11.65 17.26
C SER A 178 -2.69 13.01 17.83
N CYS A 179 -1.74 13.94 18.01
CA CYS A 179 -2.02 15.26 18.57
C CYS A 179 -1.68 16.39 17.58
N LYS A 180 -1.77 17.63 18.09
CA LYS A 180 -1.50 18.83 17.32
C LYS A 180 -0.14 18.77 16.63
N GLY A 181 -0.18 18.96 15.31
CA GLY A 181 1.03 18.92 14.50
C GLY A 181 1.08 17.63 13.71
N ASP A 182 0.15 16.71 14.00
CA ASP A 182 0.05 15.42 13.33
C ASP A 182 -1.05 15.45 12.28
N SER A 183 -1.83 16.53 12.26
CA SER A 183 -2.92 16.67 11.32
C SER A 183 -2.43 16.66 9.89
N GLY A 184 -3.18 16.02 9.00
CA GLY A 184 -2.79 15.95 7.62
C GLY A 184 -1.97 14.72 7.30
N GLY A 185 -1.47 14.06 8.33
CA GLY A 185 -0.67 12.87 8.14
C GLY A 185 -1.47 11.64 7.79
N PRO A 186 -0.77 10.57 7.41
CA PRO A 186 -1.38 9.29 7.04
C PRO A 186 -1.71 8.29 8.16
N LEU A 187 -2.69 7.45 7.90
CA LEU A 187 -3.13 6.41 8.78
C LEU A 187 -2.98 5.28 7.76
N VAL A 188 -1.88 4.54 7.89
CA VAL A 188 -1.56 3.44 7.00
C VAL A 188 -1.93 2.08 7.63
N CYS A 189 -2.88 1.37 7.02
CA CYS A 189 -3.31 0.06 7.53
C CYS A 189 -2.85 -1.04 6.61
N GLY A 190 -1.96 -1.90 7.07
CA GLY A 190 -1.47 -2.96 6.22
C GLY A 190 -0.64 -2.47 5.03
N GLY A 191 0.07 -1.36 5.22
CA GLY A 191 0.89 -0.79 4.16
C GLY A 191 0.13 0.15 3.21
N VAL A 192 -1.18 0.22 3.39
CA VAL A 192 -2.05 1.04 2.55
C VAL A 192 -2.51 2.32 3.24
N LEU A 193 -2.63 3.39 2.46
CA LEU A 193 -3.10 4.68 2.97
C LEU A 193 -4.62 4.54 3.03
N GLU A 194 -5.16 4.51 4.23
CA GLU A 194 -6.60 4.38 4.38
C GLU A 194 -7.21 5.68 4.87
N GLY A 195 -6.41 6.50 5.55
CA GLY A 195 -6.95 7.73 6.08
C GLY A 195 -5.97 8.85 6.29
N VAL A 196 -6.49 10.00 6.67
CA VAL A 196 -5.69 11.19 6.89
C VAL A 196 -6.12 11.77 8.26
N VAL A 197 -5.14 12.16 9.08
CA VAL A 197 -5.47 12.70 10.39
C VAL A 197 -6.30 13.97 10.22
N THR A 198 -7.53 13.91 10.73
CA THR A 198 -8.46 15.02 10.65
C THR A 198 -8.07 16.13 11.60
N SER A 199 -8.17 17.36 11.11
CA SER A 199 -7.84 18.58 11.85
C SER A 199 -9.04 19.06 12.68
N GLY A 200 -8.79 19.42 13.93
CA GLY A 200 -9.84 19.89 14.82
C GLY A 200 -9.34 19.94 16.25
N SER A 201 -9.90 20.84 17.06
CA SER A 201 -9.47 20.95 18.46
C SER A 201 -9.95 19.76 19.28
N ARG A 202 -8.97 19.01 19.80
CA ARG A 202 -9.26 17.83 20.61
C ARG A 202 -8.12 17.58 21.60
N VAL A 203 -8.46 17.14 22.82
CA VAL A 203 -7.47 16.80 23.85
C VAL A 203 -6.77 15.54 23.39
N CYS A 204 -5.46 15.51 23.50
CA CYS A 204 -4.74 14.35 23.05
C CYS A 204 -4.74 13.16 24.01
N GLY A 205 -5.26 12.03 23.55
CA GLY A 205 -5.23 10.82 24.35
C GLY A 205 -6.37 10.50 25.30
N ASN A 206 -7.49 11.20 25.16
CA ASN A 206 -8.64 10.93 26.03
C ASN A 206 -9.40 9.77 25.43
N ARG A 207 -9.46 8.66 26.17
CA ARG A 207 -10.15 7.45 25.72
C ARG A 207 -11.62 7.71 25.35
N LYS A 208 -12.24 8.72 25.96
CA LYS A 208 -13.64 9.05 25.69
C LYS A 208 -13.87 9.78 24.35
N LYS A 209 -12.78 10.25 23.74
CA LYS A 209 -12.85 10.92 22.46
C LYS A 209 -11.82 10.30 21.52
N PRO A 210 -12.23 9.23 20.82
CA PRO A 210 -11.33 8.55 19.88
C PRO A 210 -10.89 9.48 18.75
N GLY A 211 -9.75 9.17 18.15
CA GLY A 211 -9.26 9.98 17.05
C GLY A 211 -10.14 9.83 15.81
N ILE A 212 -10.30 10.92 15.08
CA ILE A 212 -11.10 10.93 13.85
C ILE A 212 -10.16 11.01 12.64
N TYR A 213 -10.44 10.22 11.61
CA TYR A 213 -9.59 10.21 10.43
C TYR A 213 -10.46 10.19 9.20
N THR A 214 -10.08 10.98 8.21
CA THR A 214 -10.82 11.07 6.97
C THR A 214 -10.47 9.87 6.11
N ARG A 215 -11.49 9.12 5.72
CA ARG A 215 -11.32 7.94 4.90
C ARG A 215 -10.98 8.38 3.49
N VAL A 216 -9.76 8.10 3.08
CA VAL A 216 -9.31 8.52 1.77
C VAL A 216 -10.05 7.87 0.57
N ALA A 217 -10.62 6.66 0.71
CA ALA A 217 -11.33 6.01 -0.40
C ALA A 217 -12.69 6.66 -0.67
N SER A 218 -13.14 7.39 0.32
CA SER A 218 -14.39 8.09 0.25
C SER A 218 -14.22 9.33 -0.66
N TYR A 219 -12.98 9.64 -1.01
CA TYR A 219 -12.66 10.80 -1.84
C TYR A 219 -11.71 10.48 -2.98
N ALA A 220 -11.76 9.25 -3.47
CA ALA A 220 -10.86 8.83 -4.55
C ALA A 220 -11.08 9.62 -5.83
N ALA A 221 -12.35 9.81 -6.20
CA ALA A 221 -12.74 10.55 -7.40
C ALA A 221 -12.30 11.99 -7.37
N TRP A 222 -12.44 12.65 -6.22
CA TRP A 222 -12.02 14.04 -6.09
C TRP A 222 -10.51 14.17 -6.24
N ILE A 223 -9.75 13.30 -5.56
CA ILE A 223 -8.30 13.34 -5.64
C ILE A 223 -7.90 13.20 -7.10
N ASP A 224 -8.51 12.23 -7.79
CA ASP A 224 -8.24 11.99 -9.21
C ASP A 224 -8.45 13.22 -10.09
N SER A 225 -9.54 13.95 -9.87
CA SER A 225 -9.85 15.12 -10.68
C SER A 225 -8.87 16.27 -10.48
N VAL A 226 -8.38 16.44 -9.27
CA VAL A 226 -7.47 17.52 -8.98
C VAL A 226 -6.13 17.22 -9.62
N LEU A 227 -5.73 15.97 -9.59
CA LEU A 227 -4.45 15.57 -10.16
C LEU A 227 -4.42 15.47 -11.68
N ALA A 228 -5.41 16.06 -12.33
CA ALA A 228 -5.50 16.04 -13.79
C ALA A 228 -5.18 17.43 -14.35
N ILE B 1 8.20 -20.93 -2.69
CA ILE B 1 9.08 -19.90 -2.08
C ILE B 1 10.28 -20.62 -1.49
N LEU B 2 11.42 -20.50 -2.15
CA LEU B 2 12.61 -21.15 -1.65
C LEU B 2 13.26 -20.25 -0.59
N GLY B 3 13.79 -20.88 0.47
CA GLY B 3 14.48 -20.16 1.53
C GLY B 3 13.79 -19.11 2.37
N GLY B 4 12.46 -19.16 2.49
CA GLY B 4 11.74 -18.20 3.30
C GLY B 4 11.27 -18.75 4.62
N ARG B 5 10.18 -18.18 5.13
CA ARG B 5 9.59 -18.57 6.40
C ARG B 5 8.07 -18.40 6.31
N GLU B 6 7.33 -19.11 7.16
CA GLU B 6 5.86 -19.03 7.19
C GLU B 6 5.40 -17.60 7.49
N ALA B 7 4.38 -17.12 6.78
CA ALA B 7 3.90 -15.75 7.02
C ALA B 7 2.93 -15.66 8.16
N GLU B 8 2.83 -14.46 8.73
CA GLU B 8 1.92 -14.20 9.83
C GLU B 8 0.53 -14.49 9.29
N ALA B 9 -0.20 -15.36 9.99
CA ALA B 9 -1.57 -15.80 9.65
C ALA B 9 -2.31 -15.08 8.53
N HIS B 10 -3.03 -14.01 8.82
CA HIS B 10 -3.73 -13.36 7.71
C HIS B 10 -3.28 -11.92 7.61
N ALA B 11 -1.98 -11.68 7.73
CA ALA B 11 -1.43 -10.34 7.66
C ALA B 11 -1.31 -9.75 6.24
N ARG B 12 -1.75 -10.49 5.22
CA ARG B 12 -1.75 -10.06 3.82
C ARG B 12 -3.12 -10.42 3.25
N PRO B 13 -4.17 -9.65 3.63
CA PRO B 13 -5.60 -9.74 3.28
C PRO B 13 -5.92 -9.87 1.78
N TYR B 14 -5.00 -9.36 0.97
CA TYR B 14 -5.12 -9.33 -0.47
C TYR B 14 -4.58 -10.59 -1.16
N MET B 15 -3.89 -11.43 -0.42
CA MET B 15 -3.30 -12.64 -0.98
C MET B 15 -4.39 -13.61 -1.42
N ALA B 16 -4.28 -14.12 -2.64
CA ALA B 16 -5.26 -15.06 -3.18
C ALA B 16 -4.59 -16.31 -3.74
N SER B 17 -5.33 -17.41 -3.74
CA SER B 17 -4.85 -18.65 -4.28
C SER B 17 -5.72 -18.93 -5.50
N VAL B 18 -5.09 -19.13 -6.65
CA VAL B 18 -5.81 -19.41 -7.86
C VAL B 18 -5.81 -20.94 -8.06
N GLN B 19 -7.01 -21.53 -8.10
CA GLN B 19 -7.12 -22.98 -8.22
C GLN B 19 -7.71 -23.59 -9.47
N LEU B 20 -7.18 -24.77 -9.83
CA LEU B 20 -7.62 -25.52 -11.01
C LEU B 20 -8.08 -26.90 -10.52
N ASN B 21 -9.39 -27.13 -10.55
CA ASN B 21 -9.99 -28.40 -10.11
C ASN B 21 -9.74 -28.65 -8.62
N GLY B 22 -9.80 -27.61 -7.81
CA GLY B 22 -9.58 -27.75 -6.38
C GLY B 22 -8.14 -27.87 -5.87
N ALA B 23 -7.15 -27.56 -6.69
CA ALA B 23 -5.75 -27.64 -6.26
C ALA B 23 -5.08 -26.29 -6.50
N HIS B 24 -4.30 -25.84 -5.54
CA HIS B 24 -3.62 -24.57 -5.69
C HIS B 24 -2.82 -24.59 -6.98
N LEU B 25 -3.01 -23.58 -7.82
CA LEU B 25 -2.28 -23.56 -9.07
C LEU B 25 -1.27 -22.42 -9.05
N CYS B 26 -1.76 -21.20 -8.84
CA CYS B 26 -0.92 -20.00 -8.82
C CYS B 26 -1.38 -19.08 -7.72
N GLY B 27 -0.66 -17.99 -7.57
CA GLY B 27 -1.01 -16.99 -6.58
C GLY B 27 -1.76 -15.87 -7.28
N GLY B 28 -2.24 -14.90 -6.50
CA GLY B 28 -2.98 -13.79 -7.07
C GLY B 28 -3.03 -12.70 -6.04
N VAL B 29 -3.63 -11.57 -6.39
CA VAL B 29 -3.73 -10.43 -5.50
C VAL B 29 -5.14 -9.87 -5.70
N LEU B 30 -5.89 -9.70 -4.59
CA LEU B 30 -7.24 -9.10 -4.66
C LEU B 30 -6.94 -7.60 -4.93
N VAL B 31 -7.45 -7.12 -6.04
CA VAL B 31 -7.15 -5.77 -6.49
C VAL B 31 -8.33 -4.78 -6.58
N ALA B 32 -9.52 -5.30 -6.33
CA ALA B 32 -10.75 -4.54 -6.33
C ALA B 32 -11.74 -5.54 -5.73
N GLU B 33 -12.95 -5.11 -5.40
CA GLU B 33 -13.95 -6.01 -4.82
C GLU B 33 -14.29 -7.30 -5.57
N GLN B 34 -14.21 -7.27 -6.89
CA GLN B 34 -14.58 -8.45 -7.65
C GLN B 34 -13.51 -8.90 -8.65
N TRP B 35 -12.30 -8.39 -8.49
CA TRP B 35 -11.24 -8.73 -9.42
C TRP B 35 -9.95 -9.16 -8.76
N VAL B 36 -9.33 -10.17 -9.35
CA VAL B 36 -8.05 -10.67 -8.87
C VAL B 36 -7.04 -10.57 -10.03
N LEU B 37 -5.82 -10.13 -9.70
CA LEU B 37 -4.74 -9.99 -10.67
C LEU B 37 -3.84 -11.22 -10.53
N SER B 38 -3.43 -11.81 -11.64
CA SER B 38 -2.56 -12.99 -11.63
C SER B 38 -1.65 -12.98 -12.88
N ALA B 39 -1.04 -14.13 -13.19
CA ALA B 39 -0.15 -14.28 -14.33
C ALA B 39 -0.91 -15.00 -15.46
N ALA B 40 -0.76 -14.53 -16.68
CA ALA B 40 -1.44 -15.10 -17.83
C ALA B 40 -1.15 -16.55 -18.09
N HIS B 41 0.12 -16.93 -18.02
CA HIS B 41 0.55 -18.29 -18.30
C HIS B 41 0.03 -19.35 -17.33
N CYS B 42 -0.42 -18.91 -16.17
CA CYS B 42 -0.95 -19.84 -15.18
C CYS B 42 -2.09 -20.65 -15.79
N LEU B 43 -2.97 -19.96 -16.51
CA LEU B 43 -4.11 -20.59 -17.14
C LEU B 43 -3.82 -20.94 -18.60
N GLU B 44 -2.59 -21.36 -18.86
CA GLU B 44 -2.19 -21.72 -20.21
C GLU B 44 -3.08 -22.83 -20.76
N ASP B 45 -3.10 -23.97 -20.07
CA ASP B 45 -3.94 -25.08 -20.47
C ASP B 45 -4.90 -25.35 -19.31
N ALA B 46 -5.89 -24.47 -19.20
CA ALA B 46 -6.91 -24.58 -18.16
C ALA B 46 -8.23 -24.65 -18.92
N ALA B 47 -8.37 -23.74 -19.88
CA ALA B 47 -9.53 -23.64 -20.76
C ALA B 47 -10.89 -23.79 -20.05
N ASP B 48 -11.59 -24.88 -20.35
CA ASP B 48 -12.90 -25.15 -19.77
C ASP B 48 -12.83 -25.86 -18.40
N GLY B 49 -11.63 -25.99 -17.83
CA GLY B 49 -11.45 -26.62 -16.53
C GLY B 49 -12.03 -25.71 -15.47
N LYS B 50 -12.43 -26.23 -14.33
CA LYS B 50 -13.01 -25.37 -13.29
C LYS B 50 -11.96 -24.53 -12.53
N VAL B 51 -11.99 -23.22 -12.77
CA VAL B 51 -11.06 -22.30 -12.12
C VAL B 51 -11.79 -21.57 -11.00
N GLN B 52 -11.08 -21.33 -9.91
CA GLN B 52 -11.68 -20.66 -8.78
C GLN B 52 -10.61 -19.94 -8.02
N VAL B 53 -11.04 -19.00 -7.20
CA VAL B 53 -10.11 -18.22 -6.38
C VAL B 53 -10.47 -18.39 -4.90
N LEU B 54 -9.45 -18.63 -4.10
CA LEU B 54 -9.59 -18.82 -2.68
C LEU B 54 -9.11 -17.57 -1.95
N LEU B 55 -10.02 -16.90 -1.26
CA LEU B 55 -9.70 -15.70 -0.50
C LEU B 55 -9.72 -16.03 1.00
N GLY B 56 -9.10 -15.16 1.82
CA GLY B 56 -9.09 -15.33 3.27
C GLY B 56 -8.31 -16.48 3.87
N ALA B 57 -7.47 -17.12 3.07
CA ALA B 57 -6.68 -18.27 3.50
C ALA B 57 -5.29 -18.05 4.06
N HIS B 58 -4.82 -19.06 4.79
CA HIS B 58 -3.47 -19.11 5.33
C HIS B 58 -3.08 -20.56 5.04
N SER B 59 -3.94 -21.45 5.52
CA SER B 59 -3.72 -22.86 5.33
C SER B 59 -4.57 -23.32 4.19
N LEU B 60 -3.98 -24.11 3.31
CA LEU B 60 -4.70 -24.63 2.17
C LEU B 60 -5.66 -25.77 2.52
N SER B 61 -5.46 -26.42 3.66
CA SER B 61 -6.31 -27.55 4.04
C SER B 61 -7.24 -27.35 5.25
N GLN B 62 -6.75 -26.65 6.27
CA GLN B 62 -7.51 -26.43 7.48
C GLN B 62 -8.60 -25.36 7.38
N PRO B 63 -9.76 -25.59 8.02
CA PRO B 63 -10.85 -24.62 7.98
C PRO B 63 -10.56 -23.39 8.84
N GLU B 64 -10.84 -22.22 8.30
CA GLU B 64 -10.62 -20.97 8.99
C GLU B 64 -11.88 -20.20 8.67
N PRO B 65 -12.38 -19.40 9.60
CA PRO B 65 -13.60 -18.63 9.36
C PRO B 65 -13.56 -17.70 8.13
N SER B 66 -12.41 -17.06 7.90
CA SER B 66 -12.21 -16.11 6.82
C SER B 66 -12.14 -16.69 5.41
N LYS B 67 -11.93 -18.00 5.30
CA LYS B 67 -11.82 -18.64 4.00
C LYS B 67 -13.12 -18.69 3.21
N ARG B 68 -13.00 -18.54 1.91
CA ARG B 68 -14.13 -18.58 1.03
C ARG B 68 -13.64 -18.80 -0.38
N LEU B 69 -14.31 -19.71 -1.07
CA LEU B 69 -13.98 -20.08 -2.42
C LEU B 69 -14.91 -19.34 -3.38
N TYR B 70 -14.37 -18.79 -4.48
CA TYR B 70 -15.18 -18.09 -5.47
C TYR B 70 -14.96 -18.63 -6.88
N ASP B 71 -16.02 -18.60 -7.66
CA ASP B 71 -15.97 -19.06 -9.03
C ASP B 71 -15.51 -17.91 -9.89
N VAL B 72 -14.80 -18.23 -10.96
CA VAL B 72 -14.31 -17.21 -11.87
C VAL B 72 -15.27 -17.04 -13.03
N LEU B 73 -15.79 -15.82 -13.18
CA LEU B 73 -16.74 -15.45 -14.23
C LEU B 73 -16.08 -15.07 -15.58
N ARG B 74 -14.97 -14.33 -15.53
CA ARG B 74 -14.28 -13.90 -16.75
C ARG B 74 -12.78 -13.90 -16.54
N ALA B 75 -12.06 -14.43 -17.49
CA ALA B 75 -10.60 -14.45 -17.42
C ALA B 75 -10.13 -13.55 -18.55
N VAL B 76 -9.57 -12.38 -18.20
CA VAL B 76 -9.11 -11.43 -19.20
C VAL B 76 -7.56 -11.37 -19.23
N PRO B 77 -6.93 -12.08 -20.18
CA PRO B 77 -5.46 -12.08 -20.32
C PRO B 77 -5.04 -10.79 -21.00
N HIS B 78 -3.80 -10.38 -20.82
CA HIS B 78 -3.36 -9.16 -21.49
C HIS B 78 -3.39 -9.54 -22.97
N PRO B 79 -3.93 -8.66 -23.82
CA PRO B 79 -4.01 -8.94 -25.26
C PRO B 79 -2.73 -9.07 -26.08
N ASP B 80 -1.61 -8.58 -25.55
CA ASP B 80 -0.31 -8.63 -26.24
C ASP B 80 0.55 -9.83 -25.87
N SER B 81 0.09 -10.64 -24.92
CA SER B 81 0.86 -11.80 -24.52
C SER B 81 0.71 -12.93 -25.52
N GLN B 82 1.74 -13.75 -25.62
CA GLN B 82 1.77 -14.90 -26.51
C GLN B 82 2.45 -15.99 -25.67
N PRO B 83 2.05 -17.26 -25.85
CA PRO B 83 2.59 -18.43 -25.12
C PRO B 83 4.12 -18.55 -25.01
N ASP B 84 4.83 -18.07 -26.02
CA ASP B 84 6.29 -18.14 -26.06
C ASP B 84 7.11 -17.02 -25.42
N THR B 85 6.46 -16.07 -24.74
CA THR B 85 7.20 -14.96 -24.13
C THR B 85 6.73 -14.60 -22.72
N ILE B 86 7.67 -14.11 -21.92
CA ILE B 86 7.40 -13.69 -20.55
C ILE B 86 6.87 -12.26 -20.55
N ASP B 87 6.52 -11.75 -21.72
CA ASP B 87 6.02 -10.39 -21.86
C ASP B 87 4.55 -10.30 -21.66
N HIS B 88 4.14 -9.20 -21.01
CA HIS B 88 2.72 -8.91 -20.75
C HIS B 88 2.01 -10.10 -20.12
N ASP B 89 2.67 -10.72 -19.16
CA ASP B 89 2.14 -11.87 -18.46
C ASP B 89 1.17 -11.47 -17.33
N LEU B 90 0.09 -10.80 -17.68
CA LEU B 90 -0.91 -10.36 -16.71
C LEU B 90 -2.29 -10.86 -17.09
N LEU B 91 -3.07 -11.20 -16.09
CA LEU B 91 -4.39 -11.74 -16.31
C LEU B 91 -5.25 -11.21 -15.19
N LEU B 92 -6.45 -10.75 -15.54
CA LEU B 92 -7.42 -10.25 -14.58
C LEU B 92 -8.55 -11.29 -14.51
N LEU B 93 -8.97 -11.65 -13.30
CA LEU B 93 -10.03 -12.62 -13.12
C LEU B 93 -11.20 -11.96 -12.42
N GLN B 94 -12.39 -12.00 -13.03
CA GLN B 94 -13.58 -11.42 -12.41
C GLN B 94 -14.25 -12.53 -11.59
N LEU B 95 -14.46 -12.27 -10.31
CA LEU B 95 -15.09 -13.25 -9.42
C LEU B 95 -16.59 -13.29 -9.66
N SER B 96 -17.22 -14.40 -9.25
CA SER B 96 -18.66 -14.55 -9.43
C SER B 96 -19.49 -13.53 -8.71
N GLU B 97 -18.96 -13.00 -7.62
CA GLU B 97 -19.68 -11.99 -6.89
C GLU B 97 -18.66 -11.16 -6.14
N LYS B 98 -19.08 -9.97 -5.72
CA LYS B 98 -18.21 -9.11 -4.97
C LYS B 98 -17.79 -9.89 -3.76
N ALA B 99 -16.49 -9.90 -3.51
CA ALA B 99 -15.94 -10.61 -2.38
C ALA B 99 -16.39 -9.95 -1.10
N THR B 100 -16.69 -10.80 -0.12
CA THR B 100 -17.09 -10.35 1.18
C THR B 100 -15.77 -10.03 1.90
N LEU B 101 -15.65 -8.78 2.30
CA LEU B 101 -14.46 -8.26 2.96
C LEU B 101 -14.52 -8.33 4.48
N GLY B 102 -13.36 -8.23 5.11
CA GLY B 102 -13.30 -8.27 6.54
C GLY B 102 -11.83 -8.20 6.88
N PRO B 103 -11.48 -8.48 8.14
CA PRO B 103 -10.10 -8.45 8.62
C PRO B 103 -9.09 -9.22 7.77
N ALA B 104 -9.47 -10.35 7.21
CA ALA B 104 -8.54 -11.15 6.44
C ALA B 104 -8.77 -11.08 4.94
N VAL B 105 -9.65 -10.18 4.52
CA VAL B 105 -9.98 -10.00 3.11
C VAL B 105 -10.08 -8.52 2.83
N ARG B 106 -9.21 -8.00 1.97
CA ARG B 106 -9.21 -6.58 1.62
C ARG B 106 -8.28 -6.32 0.42
N PRO B 107 -8.74 -5.51 -0.54
CA PRO B 107 -7.94 -5.18 -1.72
C PRO B 107 -6.71 -4.32 -1.48
N LEU B 108 -5.73 -4.51 -2.36
CA LEU B 108 -4.47 -3.77 -2.32
C LEU B 108 -4.26 -2.94 -3.62
N PRO B 109 -4.10 -1.61 -3.49
CA PRO B 109 -3.89 -0.79 -4.68
C PRO B 109 -2.45 -0.97 -5.21
N TRP B 110 -2.29 -0.79 -6.52
CA TRP B 110 -1.01 -0.93 -7.20
C TRP B 110 -0.35 0.43 -7.44
N GLN B 111 0.97 0.47 -7.43
CA GLN B 111 1.71 1.71 -7.69
C GLN B 111 1.32 2.25 -9.07
N ARG B 112 1.00 3.54 -9.12
CA ARG B 112 0.65 4.19 -10.38
C ARG B 112 1.83 4.99 -10.95
N VAL B 113 2.77 5.37 -10.08
CA VAL B 113 3.95 6.12 -10.48
C VAL B 113 4.91 5.17 -11.19
N ASP B 114 5.00 5.31 -12.50
CA ASP B 114 5.87 4.43 -13.27
C ASP B 114 7.36 4.75 -13.13
N ARG B 115 7.95 4.28 -12.03
CA ARG B 115 9.37 4.49 -11.77
C ARG B 115 10.00 3.25 -11.16
N ASP B 116 11.27 3.06 -11.45
CA ASP B 116 12.02 1.94 -10.93
C ASP B 116 12.23 1.99 -9.43
N VAL B 117 12.16 0.83 -8.83
CA VAL B 117 12.41 0.66 -7.41
C VAL B 117 13.94 0.66 -7.44
N ALA B 118 14.56 1.37 -6.52
CA ALA B 118 16.02 1.44 -6.47
C ALA B 118 16.64 0.07 -6.25
N PRO B 119 17.76 -0.23 -6.93
CA PRO B 119 18.39 -1.53 -6.74
C PRO B 119 18.78 -1.65 -5.25
N GLY B 120 18.85 -2.88 -4.72
CA GLY B 120 19.21 -3.02 -3.31
C GLY B 120 18.02 -2.91 -2.36
N THR B 121 16.90 -2.39 -2.85
CA THR B 121 15.69 -2.27 -2.05
C THR B 121 15.22 -3.70 -1.73
N LEU B 122 14.70 -3.90 -0.51
CA LEU B 122 14.19 -5.22 -0.11
C LEU B 122 12.68 -5.25 -0.32
N CYS B 123 12.26 -6.23 -1.10
CA CYS B 123 10.87 -6.43 -1.39
C CYS B 123 10.40 -7.80 -0.88
N ASP B 124 9.11 -7.88 -0.61
CA ASP B 124 8.50 -9.08 -0.08
C ASP B 124 7.66 -9.88 -1.08
N VAL B 125 7.95 -11.18 -1.26
CA VAL B 125 7.15 -12.04 -2.15
C VAL B 125 6.52 -13.19 -1.32
N ALA B 126 5.21 -13.43 -1.50
CA ALA B 126 4.52 -14.49 -0.75
C ALA B 126 3.88 -15.53 -1.69
N GLY B 127 3.72 -16.77 -1.20
CA GLY B 127 3.14 -17.83 -2.01
C GLY B 127 3.07 -19.22 -1.39
N TRP B 128 2.32 -20.12 -2.06
CA TRP B 128 2.14 -21.50 -1.60
C TRP B 128 2.82 -22.45 -2.58
N GLY B 129 3.86 -21.95 -3.23
CA GLY B 129 4.58 -22.77 -4.19
C GLY B 129 5.71 -23.52 -3.53
N ILE B 130 6.22 -24.50 -4.27
CA ILE B 130 7.31 -25.38 -3.88
C ILE B 130 8.32 -24.67 -2.97
N VAL B 131 8.65 -25.31 -1.84
CA VAL B 131 9.62 -24.77 -0.87
C VAL B 131 11.04 -25.35 -0.94
N ASN B 132 11.25 -26.38 -1.76
CA ASN B 132 12.57 -27.00 -1.95
C ASN B 132 12.71 -27.58 -3.35
N HIS B 133 13.85 -28.18 -3.67
CA HIS B 133 14.07 -28.77 -4.99
C HIS B 133 13.47 -30.14 -5.12
N ALA B 134 12.99 -30.69 -4.01
CA ALA B 134 12.32 -31.98 -3.99
C ALA B 134 10.83 -31.74 -4.35
N GLY B 135 10.46 -30.47 -4.55
CA GLY B 135 9.10 -30.15 -4.91
C GLY B 135 8.08 -30.28 -3.78
N ARG B 136 8.50 -30.05 -2.54
CA ARG B 136 7.57 -30.14 -1.45
C ARG B 136 6.71 -28.89 -1.40
N ARG B 137 5.40 -29.09 -1.41
CA ARG B 137 4.46 -28.00 -1.35
C ARG B 137 4.00 -27.79 0.09
N PRO B 138 4.04 -26.55 0.59
CA PRO B 138 3.64 -26.23 1.96
C PRO B 138 2.14 -26.13 2.13
N ASP B 139 1.65 -26.27 3.36
CA ASP B 139 0.23 -26.14 3.63
C ASP B 139 -0.16 -24.68 3.88
N SER B 140 0.68 -23.94 4.58
CA SER B 140 0.41 -22.54 4.86
C SER B 140 1.31 -21.56 4.08
N LEU B 141 0.87 -20.32 3.95
CA LEU B 141 1.61 -19.29 3.22
C LEU B 141 3.03 -19.05 3.71
N GLN B 142 3.93 -18.84 2.75
CA GLN B 142 5.32 -18.60 3.07
C GLN B 142 5.71 -17.25 2.47
N HIS B 143 6.88 -16.74 2.82
CA HIS B 143 7.34 -15.47 2.26
C HIS B 143 8.85 -15.34 2.41
N VAL B 144 9.46 -14.39 1.68
CA VAL B 144 10.91 -14.08 1.73
C VAL B 144 11.15 -12.64 1.41
N LEU B 145 12.22 -12.06 1.97
CA LEU B 145 12.62 -10.69 1.65
C LEU B 145 13.75 -10.84 0.64
N LEU B 146 13.58 -10.23 -0.53
CA LEU B 146 14.58 -10.29 -1.61
C LEU B 146 15.07 -8.90 -2.06
N PRO B 147 16.38 -8.79 -2.41
CA PRO B 147 16.98 -7.54 -2.88
C PRO B 147 16.69 -7.34 -4.38
N VAL B 148 16.27 -6.15 -4.77
CA VAL B 148 16.01 -5.86 -6.17
C VAL B 148 17.34 -5.68 -6.94
N LEU B 149 17.44 -6.33 -8.09
CA LEU B 149 18.62 -6.27 -8.96
C LEU B 149 18.42 -5.19 -10.03
N ASP B 150 19.47 -4.45 -10.38
CA ASP B 150 19.32 -3.43 -11.43
C ASP B 150 19.20 -4.15 -12.76
N ARG B 151 18.33 -3.61 -13.61
CA ARG B 151 18.05 -4.16 -14.93
C ARG B 151 19.27 -4.41 -15.80
N ALA B 152 20.27 -3.53 -15.73
CA ALA B 152 21.46 -3.71 -16.54
C ALA B 152 22.16 -5.01 -16.16
N THR B 153 22.32 -5.24 -14.87
CA THR B 153 22.96 -6.45 -14.37
C THR B 153 22.14 -7.70 -14.67
N CYS B 154 20.83 -7.57 -14.54
CA CYS B 154 19.94 -8.69 -14.80
C CYS B 154 19.99 -9.02 -16.28
N ASN B 155 20.24 -8.01 -17.12
CA ASN B 155 20.30 -8.16 -18.57
C ASN B 155 21.61 -8.77 -19.06
N ARG B 156 22.59 -8.86 -18.17
CA ARG B 156 23.90 -9.45 -18.47
C ARG B 156 23.72 -10.77 -19.23
N ARG B 157 24.66 -11.06 -20.12
CA ARG B 157 24.67 -12.28 -20.96
C ARG B 157 24.57 -13.57 -20.16
N THR B 158 25.15 -13.54 -18.97
CA THR B 158 25.16 -14.69 -18.08
C THR B 158 23.83 -14.83 -17.34
N HIS B 159 23.03 -13.77 -17.38
CA HIS B 159 21.74 -13.76 -16.72
C HIS B 159 20.59 -13.88 -17.70
N HIS B 160 19.88 -12.80 -17.97
CA HIS B 160 18.76 -12.88 -18.90
C HIS B 160 19.05 -12.09 -20.16
N ASP B 161 19.79 -12.73 -21.05
CA ASP B 161 20.23 -12.34 -22.09
C ASP B 161 19.40 -11.06 -22.99
N GLY B 162 19.40 -9.89 -22.37
CA GLY B 162 18.64 -8.76 -22.90
C GLY B 162 17.12 -8.89 -22.85
N ALA B 163 16.63 -9.91 -22.16
CA ALA B 163 15.21 -10.17 -22.05
C ALA B 163 14.40 -9.21 -21.17
N ILE B 164 15.06 -8.63 -20.17
CA ILE B 164 14.41 -7.74 -19.22
C ILE B 164 14.21 -6.32 -19.78
N THR B 165 12.94 -5.98 -20.03
CA THR B 165 12.56 -4.66 -20.54
C THR B 165 12.16 -3.72 -19.41
N GLU B 166 11.64 -2.55 -19.78
CA GLU B 166 11.20 -1.54 -18.80
C GLU B 166 9.92 -1.92 -18.04
N ARG B 167 9.21 -2.92 -18.54
CA ARG B 167 7.98 -3.39 -17.92
C ARG B 167 8.28 -4.58 -17.04
N LEU B 168 9.57 -4.91 -16.88
CA LEU B 168 10.03 -6.01 -16.06
C LEU B 168 11.08 -5.54 -15.04
N MET B 169 11.40 -6.40 -14.09
CA MET B 169 12.39 -6.07 -13.08
C MET B 169 12.89 -7.38 -12.55
N CYS B 170 13.91 -7.33 -11.71
CA CYS B 170 14.49 -8.55 -11.16
C CYS B 170 14.82 -8.41 -9.71
N ALA B 171 15.05 -9.55 -9.10
CA ALA B 171 15.40 -9.58 -7.69
C ALA B 171 16.41 -10.72 -7.66
N GLU B 172 17.31 -10.70 -6.68
CA GLU B 172 18.30 -11.77 -6.57
C GLU B 172 17.65 -13.12 -6.22
N SER B 173 18.27 -14.20 -6.68
CA SER B 173 17.72 -15.51 -6.44
C SER B 173 18.77 -16.48 -5.93
N ASN B 174 19.63 -16.01 -5.03
CA ASN B 174 20.67 -16.89 -4.50
C ASN B 174 20.15 -17.63 -3.30
N ARG B 175 19.54 -18.78 -3.56
CA ARG B 175 18.97 -19.64 -2.52
C ARG B 175 17.72 -19.08 -1.82
N ARG B 176 17.19 -18.00 -2.36
CA ARG B 176 15.98 -17.35 -1.86
C ARG B 176 15.39 -16.96 -3.22
N ASP B 177 14.15 -17.35 -3.47
CA ASP B 177 13.56 -17.09 -4.76
C ASP B 177 12.12 -17.54 -4.74
N SER B 178 11.35 -17.06 -5.70
CA SER B 178 9.98 -17.48 -5.86
C SER B 178 10.16 -18.69 -6.74
N CYS B 179 9.16 -19.57 -6.71
CA CYS B 179 9.22 -20.83 -7.45
C CYS B 179 7.89 -21.23 -7.99
N LYS B 180 7.89 -22.42 -8.59
CA LYS B 180 6.72 -23.07 -9.16
C LYS B 180 5.58 -23.01 -8.16
N GLY B 181 4.47 -22.43 -8.61
CA GLY B 181 3.29 -22.26 -7.80
C GLY B 181 3.20 -20.88 -7.19
N ASP B 182 4.29 -20.11 -7.28
CA ASP B 182 4.34 -18.76 -6.74
C ASP B 182 3.92 -17.73 -7.78
N SER B 183 3.95 -18.12 -9.05
CA SER B 183 3.56 -17.23 -10.15
C SER B 183 2.26 -16.50 -9.87
N GLY B 184 2.17 -15.27 -10.34
CA GLY B 184 0.97 -14.49 -10.12
C GLY B 184 0.91 -13.81 -8.76
N GLY B 185 1.83 -14.18 -7.88
CA GLY B 185 1.85 -13.58 -6.56
C GLY B 185 2.39 -12.16 -6.59
N PRO B 186 2.24 -11.42 -5.48
CA PRO B 186 2.72 -10.04 -5.35
C PRO B 186 4.18 -9.85 -4.94
N LEU B 187 4.78 -8.78 -5.46
CA LEU B 187 6.15 -8.34 -5.12
C LEU B 187 5.79 -6.98 -4.51
N VAL B 188 5.84 -6.93 -3.19
CA VAL B 188 5.48 -5.77 -2.39
C VAL B 188 6.73 -5.11 -1.84
N CYS B 189 6.93 -3.82 -2.10
CA CYS B 189 8.12 -3.11 -1.60
C CYS B 189 7.65 -2.01 -0.68
N GLY B 190 8.07 -2.04 0.57
CA GLY B 190 7.60 -1.02 1.51
C GLY B 190 6.07 -0.92 1.63
N GLY B 191 5.40 -2.07 1.63
CA GLY B 191 3.96 -2.11 1.73
C GLY B 191 3.21 -1.78 0.45
N VAL B 192 3.94 -1.52 -0.64
CA VAL B 192 3.33 -1.16 -1.93
C VAL B 192 3.42 -2.26 -2.98
N LEU B 193 2.31 -2.54 -3.67
CA LEU B 193 2.33 -3.57 -4.72
C LEU B 193 3.16 -2.95 -5.83
N GLU B 194 4.25 -3.61 -6.16
CA GLU B 194 5.15 -3.14 -7.19
C GLU B 194 5.30 -4.13 -8.35
N GLY B 195 4.97 -5.40 -8.13
CA GLY B 195 5.13 -6.36 -9.20
C GLY B 195 4.36 -7.63 -8.98
N VAL B 196 4.23 -8.41 -10.04
CA VAL B 196 3.51 -9.67 -10.04
C VAL B 196 4.53 -10.71 -10.49
N VAL B 197 4.60 -11.85 -9.80
CA VAL B 197 5.55 -12.88 -10.15
C VAL B 197 5.26 -13.43 -11.53
N THR B 198 6.27 -13.33 -12.40
CA THR B 198 6.20 -13.79 -13.77
C THR B 198 6.20 -15.32 -13.81
N SER B 199 5.30 -15.91 -14.60
CA SER B 199 5.21 -17.36 -14.77
C SER B 199 6.05 -17.76 -15.97
N GLY B 200 6.85 -18.79 -15.80
CA GLY B 200 7.70 -19.26 -16.87
C GLY B 200 8.44 -20.47 -16.35
N SER B 201 9.01 -21.25 -17.25
CA SER B 201 9.76 -22.43 -16.84
C SER B 201 11.16 -21.90 -16.56
N ARG B 202 11.50 -21.78 -15.29
CA ARG B 202 12.81 -21.29 -14.89
C ARG B 202 13.30 -22.01 -13.66
N VAL B 203 14.62 -22.08 -13.56
CA VAL B 203 15.27 -22.72 -12.43
C VAL B 203 15.17 -21.82 -11.17
N CYS B 204 14.93 -22.48 -10.04
CA CYS B 204 14.78 -21.91 -8.71
C CYS B 204 16.03 -21.78 -7.81
N GLY B 205 16.17 -20.62 -7.17
CA GLY B 205 17.28 -20.40 -6.25
C GLY B 205 18.69 -20.46 -6.78
N ASN B 206 18.84 -20.25 -8.08
CA ASN B 206 20.13 -20.25 -8.77
C ASN B 206 20.60 -18.81 -8.91
N ARG B 207 21.79 -18.50 -8.43
CA ARG B 207 22.28 -17.12 -8.54
C ARG B 207 22.45 -16.54 -9.97
N LYS B 208 22.66 -17.40 -10.96
CA LYS B 208 22.84 -16.93 -12.34
C LYS B 208 21.55 -16.62 -13.07
N LYS B 209 20.41 -16.95 -12.44
CA LYS B 209 19.09 -16.73 -13.02
C LYS B 209 18.18 -15.99 -12.06
N PRO B 210 18.30 -14.64 -12.02
CA PRO B 210 17.47 -13.83 -11.12
C PRO B 210 15.97 -13.98 -11.34
N GLY B 211 15.18 -13.82 -10.28
CA GLY B 211 13.75 -13.92 -10.39
C GLY B 211 13.25 -12.72 -11.18
N ILE B 212 12.25 -12.92 -12.04
CA ILE B 212 11.71 -11.85 -12.88
C ILE B 212 10.28 -11.49 -12.45
N TYR B 213 10.00 -10.19 -12.33
CA TYR B 213 8.68 -9.73 -11.90
C TYR B 213 8.14 -8.70 -12.86
N THR B 214 6.85 -8.77 -13.13
CA THR B 214 6.19 -7.83 -14.02
C THR B 214 5.87 -6.55 -13.26
N ARG B 215 6.28 -5.40 -13.79
CA ARG B 215 5.99 -4.15 -13.12
C ARG B 215 4.54 -3.73 -13.39
N VAL B 216 3.74 -3.65 -12.34
CA VAL B 216 2.34 -3.26 -12.51
C VAL B 216 2.11 -1.79 -12.91
N ALA B 217 2.99 -0.88 -12.51
CA ALA B 217 2.81 0.52 -12.84
C ALA B 217 2.79 0.78 -14.33
N SER B 218 3.53 -0.03 -15.10
CA SER B 218 3.54 0.15 -16.54
C SER B 218 2.30 -0.42 -17.25
N TYR B 219 1.40 -1.04 -16.48
CA TYR B 219 0.17 -1.63 -17.02
C TYR B 219 -1.11 -1.05 -16.43
N ALA B 220 -0.95 -0.03 -15.57
CA ALA B 220 -2.07 0.62 -14.90
C ALA B 220 -3.21 1.09 -15.80
N ALA B 221 -2.87 1.55 -17.01
CA ALA B 221 -3.91 2.02 -17.95
C ALA B 221 -4.76 0.84 -18.41
N TRP B 222 -4.11 -0.28 -18.72
CA TRP B 222 -4.83 -1.49 -19.14
C TRP B 222 -5.72 -1.95 -18.00
N ILE B 223 -5.16 -2.04 -16.80
CA ILE B 223 -5.92 -2.50 -15.65
C ILE B 223 -7.16 -1.65 -15.44
N ASP B 224 -6.98 -0.34 -15.39
CA ASP B 224 -8.09 0.60 -15.18
C ASP B 224 -9.20 0.42 -16.19
N SER B 225 -8.83 0.30 -17.46
CA SER B 225 -9.83 0.16 -18.50
C SER B 225 -10.64 -1.12 -18.38
N VAL B 226 -10.05 -2.17 -17.82
CA VAL B 226 -10.73 -3.45 -17.69
C VAL B 226 -11.64 -3.45 -16.47
N LEU B 227 -11.22 -2.79 -15.41
CA LEU B 227 -12.01 -2.74 -14.19
C LEU B 227 -13.08 -1.66 -14.26
N ALA B 228 -13.40 -1.22 -15.48
CA ALA B 228 -14.41 -0.19 -15.70
C ALA B 228 -14.98 -0.37 -17.10
C1 DFP C . -4.37 21.51 14.33
C2 DFP C . -5.57 22.34 14.83
C3 DFP C . -3.47 22.24 13.27
C1' DFP C . -5.78 18.11 15.86
C2' DFP C . -5.64 18.58 17.32
C3' DFP C . -6.26 16.66 15.79
P DFP C . -4.02 18.95 13.93
O1P DFP C . -4.88 20.28 13.82
O2P DFP C . -4.48 18.17 15.27
O3P DFP C . -2.53 19.26 13.94
C1 DFP D . 3.86 -22.01 -13.25
C2 DFP D . 4.32 -22.51 -14.64
C3 DFP D . 2.40 -22.38 -12.80
C1' DFP D . 7.84 -19.48 -12.07
C2' DFP D . 9.07 -20.42 -11.98
C3' DFP D . 7.91 -18.49 -10.85
P DFP D . 5.00 -20.00 -11.94
O1P DFP D . 4.10 -20.58 -13.19
O2P DFP D . 6.61 -20.28 -12.25
O3P DFP D . 4.52 -20.64 -10.65
#